data_7NYQ
#
_entry.id   7NYQ
#
_cell.length_a   34.710
_cell.length_b   116.500
_cell.length_c   64.700
_cell.angle_alpha   90.000
_cell.angle_beta   96.360
_cell.angle_gamma   90.000
#
_symmetry.space_group_name_H-M   'P 1 21 1'
#
loop_
_entity.id
_entity.type
_entity.pdbx_description
1 polymer 'Meiotic P26, isoform C'
2 water water
#
_entity_poly.entity_id   1
_entity_poly.type   'polypeptide(L)'
_entity_poly.pdbx_seq_one_letter_code
;GAMGLNNFHAVAAPGTTSVVTGRNKATPMQIRCKFGSLGTAKGQFNSPHGFCLGVDEEIIVADTNNHRIEVFDKMGALKF
QFGVAGKEEGQLWYPRKVAVMHNNGKFVVCDRGNERSRMQIFSKCGHFMRKIAIRYIDIVAGLAVTAKGHIVAVDSVSPT
VFVISEEGELVRWFDCSDYMREPSDIAIRDNDFYVCDFKGHCVAVFQDDGTFLYRIGNEKVTCFPNGIDISNAGDVLIGD
SHGNRFHVACYSREGALQSEFECPHVKVSRCCGLKITSEGYVVTLAKNNHHVLVLNTLYVH
;
_entity_poly.pdbx_strand_id   A,B
#
# COMPACT_ATOMS: atom_id res chain seq x y z
N ALA A 26 -29.28 5.33 -33.06
CA ALA A 26 -28.19 5.58 -32.11
C ALA A 26 -26.86 5.10 -32.67
N THR A 27 -25.81 5.90 -32.46
CA THR A 27 -24.50 5.53 -32.95
C THR A 27 -23.96 4.35 -32.14
N PRO A 28 -23.39 3.33 -32.79
CA PRO A 28 -22.87 2.19 -32.03
C PRO A 28 -21.60 2.52 -31.27
N MET A 29 -21.43 1.82 -30.16
CA MET A 29 -20.16 1.80 -29.43
C MET A 29 -19.61 0.38 -29.47
N GLN A 30 -18.31 0.26 -29.62
CA GLN A 30 -17.62 -1.03 -29.57
C GLN A 30 -16.92 -1.19 -28.24
N ILE A 31 -16.70 -2.44 -27.86
CA ILE A 31 -15.92 -2.74 -26.66
C ILE A 31 -14.45 -2.66 -27.02
N ARG A 32 -13.75 -1.72 -26.41
CA ARG A 32 -12.30 -1.64 -26.56
C ARG A 32 -11.59 -2.51 -25.54
N CYS A 33 -12.11 -2.56 -24.32
CA CYS A 33 -11.55 -3.43 -23.29
C CYS A 33 -12.64 -3.78 -22.28
N LYS A 34 -12.69 -5.05 -21.91
CA LYS A 34 -13.54 -5.53 -20.82
C LYS A 34 -12.65 -6.33 -19.88
N PHE A 35 -12.52 -5.87 -18.64
CA PHE A 35 -11.65 -6.54 -17.70
C PHE A 35 -12.29 -6.61 -16.31
N GLY A 36 -11.97 -7.67 -15.60
CA GLY A 36 -12.52 -7.94 -14.29
C GLY A 36 -13.41 -9.16 -14.29
N SER A 37 -13.45 -9.84 -13.14
CA SER A 37 -14.36 -10.95 -12.90
C SER A 37 -14.58 -11.01 -11.40
N LEU A 38 -15.56 -11.82 -10.99
CA LEU A 38 -15.93 -11.88 -9.58
C LEU A 38 -14.88 -12.66 -8.80
N GLY A 39 -14.26 -12.01 -7.82
CA GLY A 39 -13.31 -12.69 -6.96
C GLY A 39 -12.54 -11.73 -6.09
N THR A 40 -11.55 -12.29 -5.40
CA THR A 40 -10.69 -11.54 -4.49
C THR A 40 -9.31 -11.27 -5.06
N ALA A 41 -8.96 -11.88 -6.19
CA ALA A 41 -7.61 -11.81 -6.69
C ALA A 41 -7.32 -10.44 -7.27
N LYS A 42 -6.03 -10.14 -7.45
CA LYS A 42 -5.64 -8.89 -8.07
C LYS A 42 -6.24 -8.81 -9.47
N GLY A 43 -6.92 -7.69 -9.75
CA GLY A 43 -7.60 -7.52 -11.02
C GLY A 43 -9.03 -8.01 -11.04
N GLN A 44 -9.48 -8.69 -10.00
CA GLN A 44 -10.88 -9.07 -9.89
C GLN A 44 -11.65 -8.02 -9.10
N PHE A 45 -12.97 -8.15 -9.09
CA PHE A 45 -13.84 -7.22 -8.38
C PHE A 45 -14.93 -7.99 -7.66
N ASN A 46 -15.58 -7.31 -6.71
CA ASN A 46 -16.80 -7.82 -6.09
C ASN A 46 -17.72 -6.62 -5.87
N SER A 47 -18.63 -6.40 -6.81
CA SER A 47 -19.67 -5.38 -6.71
C SER A 47 -19.05 -3.99 -6.61
N PRO A 48 -18.20 -3.59 -7.54
CA PRO A 48 -17.57 -2.27 -7.45
C PRO A 48 -18.60 -1.17 -7.71
N HIS A 49 -18.63 -0.18 -6.83
CA HIS A 49 -19.67 0.82 -6.83
C HIS A 49 -19.25 2.16 -7.44
N GLY A 50 -17.97 2.35 -7.72
CA GLY A 50 -17.52 3.64 -8.21
C GLY A 50 -16.12 3.56 -8.78
N PHE A 51 -15.80 4.56 -9.60
CA PHE A 51 -14.48 4.63 -10.21
C PHE A 51 -14.22 6.07 -10.61
N CYS A 52 -12.97 6.32 -11.00
CA CYS A 52 -12.58 7.61 -11.56
C CYS A 52 -11.37 7.40 -12.47
N LEU A 53 -10.92 8.47 -13.10
CA LEU A 53 -9.67 8.49 -13.84
C LEU A 53 -8.60 9.21 -13.04
N GLY A 54 -7.36 8.73 -13.17
CA GLY A 54 -6.24 9.28 -12.43
C GLY A 54 -5.55 10.41 -13.17
N VAL A 55 -4.47 10.90 -12.54
CA VAL A 55 -3.67 11.96 -13.13
C VAL A 55 -3.21 11.59 -14.54
N ASP A 56 -2.78 10.34 -14.72
CA ASP A 56 -2.40 9.82 -16.02
C ASP A 56 -3.54 9.03 -16.66
N GLU A 57 -4.78 9.33 -16.27
CA GLU A 57 -5.98 8.66 -16.75
C GLU A 57 -5.91 7.15 -16.53
N GLU A 58 -5.24 6.73 -15.47
CA GLU A 58 -5.46 5.38 -14.95
C GLU A 58 -6.95 5.19 -14.67
N ILE A 59 -7.41 3.95 -14.78
CA ILE A 59 -8.76 3.61 -14.36
C ILE A 59 -8.68 3.12 -12.92
N ILE A 60 -9.29 3.88 -12.02
CA ILE A 60 -9.20 3.68 -10.58
C ILE A 60 -10.56 3.25 -10.07
N VAL A 61 -10.63 2.05 -9.48
CA VAL A 61 -11.90 1.42 -9.13
C VAL A 61 -11.99 1.24 -7.62
N ALA A 62 -13.11 1.67 -7.05
CA ALA A 62 -13.46 1.36 -5.67
C ALA A 62 -14.08 -0.03 -5.67
N ASP A 63 -13.27 -1.04 -5.34
CA ASP A 63 -13.69 -2.44 -5.36
C ASP A 63 -14.38 -2.75 -4.03
N THR A 64 -15.67 -2.42 -3.99
CA THR A 64 -16.40 -2.22 -2.74
C THR A 64 -16.28 -3.41 -1.79
N ASN A 65 -16.73 -4.59 -2.22
CA ASN A 65 -16.83 -5.71 -1.31
C ASN A 65 -15.49 -6.35 -0.98
N ASN A 66 -14.40 -5.92 -1.63
CA ASN A 66 -13.06 -6.35 -1.28
C ASN A 66 -12.28 -5.29 -0.52
N HIS A 67 -12.91 -4.15 -0.19
CA HIS A 67 -12.34 -3.15 0.70
C HIS A 67 -11.00 -2.63 0.18
N ARG A 68 -10.96 -2.29 -1.10
CA ARG A 68 -9.70 -1.88 -1.71
C ARG A 68 -9.95 -0.95 -2.88
N ILE A 69 -8.90 -0.22 -3.24
CA ILE A 69 -8.84 0.54 -4.48
C ILE A 69 -7.89 -0.19 -5.42
N GLU A 70 -8.30 -0.34 -6.68
CA GLU A 70 -7.47 -0.97 -7.70
C GLU A 70 -7.21 0.03 -8.82
N VAL A 71 -5.96 0.13 -9.23
CA VAL A 71 -5.50 1.11 -10.22
C VAL A 71 -5.04 0.34 -11.45
N PHE A 72 -5.63 0.66 -12.60
CA PHE A 72 -5.38 -0.03 -13.86
C PHE A 72 -4.94 0.96 -14.94
N ASP A 73 -4.28 0.44 -15.97
CA ASP A 73 -4.16 1.23 -17.20
C ASP A 73 -5.42 1.01 -18.05
N LYS A 74 -5.45 1.63 -19.23
CA LYS A 74 -6.69 1.64 -20.01
C LYS A 74 -6.95 0.33 -20.75
N MET A 75 -5.99 -0.60 -20.77
CA MET A 75 -6.23 -1.93 -21.30
C MET A 75 -6.32 -2.98 -20.19
N GLY A 76 -6.65 -2.55 -18.97
CA GLY A 76 -7.00 -3.47 -17.90
C GLY A 76 -5.82 -4.11 -17.20
N ALA A 77 -4.61 -3.60 -17.38
CA ALA A 77 -3.46 -4.13 -16.65
C ALA A 77 -3.39 -3.47 -15.28
N LEU A 78 -3.32 -4.28 -14.23
CA LEU A 78 -3.27 -3.74 -12.88
C LEU A 78 -1.91 -3.13 -12.61
N LYS A 79 -1.90 -1.90 -12.10
CA LYS A 79 -0.67 -1.25 -11.68
C LYS A 79 -0.39 -1.51 -10.21
N PHE A 80 -1.38 -1.24 -9.36
CA PHE A 80 -1.24 -1.53 -7.93
C PHE A 80 -2.62 -1.43 -7.28
N GLN A 81 -2.70 -1.91 -6.05
CA GLN A 81 -3.90 -1.83 -5.24
C GLN A 81 -3.52 -1.39 -3.85
N PHE A 82 -4.50 -0.88 -3.11
CA PHE A 82 -4.29 -0.57 -1.70
C PHE A 82 -5.61 -0.65 -0.95
N GLY A 83 -5.50 -0.89 0.36
CA GLY A 83 -6.67 -0.98 1.20
C GLY A 83 -6.76 -2.27 1.98
N VAL A 84 -6.85 -2.15 3.30
CA VAL A 84 -7.06 -3.26 4.22
C VAL A 84 -8.43 -3.11 4.84
N ALA A 85 -9.18 -4.21 4.92
CA ALA A 85 -10.55 -4.15 5.42
C ALA A 85 -10.57 -3.74 6.89
N GLY A 86 -11.36 -2.72 7.21
CA GLY A 86 -11.58 -2.37 8.59
C GLY A 86 -12.08 -0.95 8.75
N LYS A 87 -12.36 -0.61 10.00
CA LYS A 87 -12.90 0.70 10.36
C LYS A 87 -11.90 1.58 11.08
N GLU A 88 -10.67 1.13 11.26
CA GLU A 88 -9.61 2.02 11.73
C GLU A 88 -9.32 3.05 10.66
N GLU A 89 -8.88 4.24 11.08
CA GLU A 89 -8.49 5.26 10.13
CA GLU A 89 -8.51 5.25 10.11
C GLU A 89 -7.36 4.75 9.26
N GLY A 90 -7.51 4.87 7.95
CA GLY A 90 -6.57 4.34 7.00
C GLY A 90 -6.98 3.01 6.39
N GLN A 91 -7.86 2.28 7.07
CA GLN A 91 -8.46 1.08 6.52
C GLN A 91 -9.70 1.47 5.70
N LEU A 92 -10.21 0.53 4.91
CA LEU A 92 -11.38 0.75 4.08
C LEU A 92 -12.47 -0.25 4.42
N TRP A 93 -13.71 0.22 4.40
CA TRP A 93 -14.88 -0.61 4.74
C TRP A 93 -15.98 -0.29 3.73
N TYR A 94 -16.07 -1.13 2.69
CA TYR A 94 -17.04 -0.99 1.61
C TYR A 94 -16.87 0.38 0.96
N PRO A 95 -15.69 0.67 0.43
CA PRO A 95 -15.50 1.93 -0.31
C PRO A 95 -16.37 1.93 -1.55
N ARG A 96 -17.10 3.04 -1.75
CA ARG A 96 -18.04 3.14 -2.85
CA ARG A 96 -18.04 3.14 -2.85
C ARG A 96 -17.75 4.27 -3.83
N LYS A 97 -16.95 5.25 -3.45
CA LYS A 97 -16.67 6.39 -4.32
C LYS A 97 -15.21 6.77 -4.19
N VAL A 98 -14.62 7.17 -5.31
CA VAL A 98 -13.21 7.54 -5.34
C VAL A 98 -13.01 8.64 -6.37
N ALA A 99 -12.11 9.57 -6.03
CA ALA A 99 -11.72 10.66 -6.90
C ALA A 99 -10.24 10.91 -6.68
N VAL A 100 -9.60 11.56 -7.64
CA VAL A 100 -8.19 11.89 -7.53
C VAL A 100 -8.02 13.40 -7.69
N MET A 101 -7.18 13.96 -6.83
CA MET A 101 -6.88 15.39 -6.86
CA MET A 101 -6.91 15.39 -6.88
C MET A 101 -5.86 15.65 -7.95
N HIS A 102 -6.25 16.45 -8.96
CA HIS A 102 -5.44 16.58 -10.17
C HIS A 102 -4.06 17.15 -9.90
N ASN A 103 -3.93 17.98 -8.87
CA ASN A 103 -2.72 18.76 -8.67
C ASN A 103 -1.65 18.04 -7.85
N ASN A 104 -1.96 16.89 -7.26
CA ASN A 104 -0.96 16.19 -6.45
C ASN A 104 -1.16 14.68 -6.42
N GLY A 105 -2.16 14.13 -7.09
CA GLY A 105 -2.33 12.70 -7.20
C GLY A 105 -2.94 12.01 -6.01
N LYS A 106 -3.34 12.75 -4.98
CA LYS A 106 -3.93 12.13 -3.80
C LYS A 106 -5.28 11.50 -4.14
N PHE A 107 -5.59 10.39 -3.48
CA PHE A 107 -6.90 9.75 -3.60
C PHE A 107 -7.84 10.28 -2.54
N VAL A 108 -9.08 10.56 -2.94
CA VAL A 108 -10.18 10.82 -2.03
C VAL A 108 -11.09 9.60 -2.09
N VAL A 109 -11.27 8.92 -0.95
CA VAL A 109 -12.04 7.69 -0.89
C VAL A 109 -13.15 7.87 0.13
N CYS A 110 -14.38 7.52 -0.26
CA CYS A 110 -15.53 7.54 0.64
C CYS A 110 -16.02 6.12 0.85
N ASP A 111 -16.14 5.72 2.11
CA ASP A 111 -16.57 4.38 2.47
C ASP A 111 -17.54 4.50 3.63
N ARG A 112 -17.78 3.39 4.33
CA ARG A 112 -18.64 3.37 5.52
C ARG A 112 -17.77 3.27 6.76
N GLY A 113 -17.70 4.36 7.53
CA GLY A 113 -17.02 4.35 8.81
C GLY A 113 -17.93 3.79 9.88
N ASN A 114 -17.65 4.17 11.13
CA ASN A 114 -18.51 3.78 12.23
C ASN A 114 -19.89 4.37 12.03
N GLU A 115 -20.86 3.54 11.63
CA GLU A 115 -22.23 3.95 11.40
C GLU A 115 -22.39 4.67 10.07
N ARG A 116 -21.80 5.85 9.95
CA ARG A 116 -22.09 6.77 8.86
C ARG A 116 -20.95 6.83 7.86
N SER A 117 -21.14 7.60 6.80
CA SER A 117 -20.18 7.69 5.72
C SER A 117 -18.89 8.38 6.19
N ARG A 118 -17.78 8.02 5.54
CA ARG A 118 -16.45 8.48 5.93
C ARG A 118 -15.66 8.86 4.69
N MET A 119 -14.87 9.93 4.82
CA MET A 119 -14.02 10.42 3.74
C MET A 119 -12.58 10.39 4.22
N GLN A 120 -11.70 9.77 3.42
CA GLN A 120 -10.29 9.69 3.76
C GLN A 120 -9.43 10.08 2.57
N ILE A 121 -8.30 10.73 2.88
CA ILE A 121 -7.32 11.14 1.88
C ILE A 121 -6.13 10.19 1.95
N PHE A 122 -5.72 9.67 0.79
CA PHE A 122 -4.53 8.84 0.67
C PHE A 122 -3.54 9.49 -0.28
N SER A 123 -2.26 9.23 -0.06
CA SER A 123 -1.22 9.73 -0.95
C SER A 123 -1.30 9.03 -2.30
N LYS A 124 -0.47 9.50 -3.25
CA LYS A 124 -0.45 8.88 -4.56
C LYS A 124 0.07 7.45 -4.52
N CYS A 125 0.82 7.07 -3.49
CA CYS A 125 1.22 5.66 -3.28
C CYS A 125 0.10 4.83 -2.67
N GLY A 126 -1.00 5.45 -2.25
CA GLY A 126 -2.04 4.75 -1.52
C GLY A 126 -1.87 4.73 -0.02
N HIS A 127 -1.05 5.63 0.53
CA HIS A 127 -0.78 5.66 1.96
C HIS A 127 -1.74 6.63 2.66
N PHE A 128 -2.34 6.19 3.76
CA PHE A 128 -3.28 7.04 4.48
C PHE A 128 -2.61 8.33 4.91
N MET A 129 -3.29 9.45 4.68
CA MET A 129 -2.83 10.76 5.14
C MET A 129 -3.73 11.39 6.18
N ARG A 130 -5.01 11.47 5.90
CA ARG A 130 -5.95 12.04 6.84
C ARG A 130 -7.37 11.72 6.62
N LYS A 131 -8.15 11.85 7.67
CA LYS A 131 -9.59 11.66 7.59
C LYS A 131 -10.26 13.02 7.58
N ILE A 132 -11.27 13.18 6.72
CA ILE A 132 -12.05 14.41 6.65
C ILE A 132 -13.42 14.12 7.25
N ALA A 133 -13.74 14.83 8.35
CA ALA A 133 -15.02 14.66 9.00
C ALA A 133 -16.13 15.17 8.10
N ILE A 134 -17.09 14.29 7.77
CA ILE A 134 -18.25 14.67 6.99
C ILE A 134 -19.51 14.21 7.71
N ARG A 135 -19.65 14.61 8.99
CA ARG A 135 -20.82 14.22 9.76
CA ARG A 135 -20.83 14.22 9.75
C ARG A 135 -22.11 14.84 9.20
N TYR A 136 -21.97 15.85 8.35
CA TYR A 136 -23.12 16.51 7.72
C TYR A 136 -23.59 15.81 6.45
N ILE A 137 -22.97 14.70 6.04
CA ILE A 137 -23.37 13.94 4.87
C ILE A 137 -23.92 12.60 5.32
N ASP A 138 -25.06 12.21 4.75
CA ASP A 138 -25.58 10.86 4.97
C ASP A 138 -24.91 9.86 4.02
N ILE A 139 -25.22 9.96 2.73
CA ILE A 139 -24.65 9.10 1.71
C ILE A 139 -23.92 9.97 0.71
N VAL A 140 -22.67 9.61 0.40
CA VAL A 140 -21.96 10.22 -0.71
C VAL A 140 -22.41 9.51 -1.98
N ALA A 141 -23.32 10.14 -2.72
CA ALA A 141 -23.82 9.56 -3.96
C ALA A 141 -23.04 9.98 -5.18
N GLY A 142 -22.21 11.01 -5.06
CA GLY A 142 -21.41 11.49 -6.16
C GLY A 142 -20.20 12.23 -5.64
N LEU A 143 -19.07 12.07 -6.31
CA LEU A 143 -17.81 12.60 -5.82
C LEU A 143 -17.00 13.10 -7.00
N ALA A 144 -16.50 14.33 -6.91
CA ALA A 144 -15.68 14.91 -7.95
C ALA A 144 -14.73 15.90 -7.31
N VAL A 145 -13.76 16.37 -8.10
CA VAL A 145 -12.80 17.37 -7.68
C VAL A 145 -12.78 18.48 -8.71
N THR A 146 -12.81 19.73 -8.25
CA THR A 146 -12.78 20.87 -9.15
C THR A 146 -11.35 21.14 -9.62
N ALA A 147 -11.24 22.02 -10.61
CA ALA A 147 -9.93 22.44 -11.09
C ALA A 147 -9.10 23.06 -9.98
N LYS A 148 -9.74 23.85 -9.10
CA LYS A 148 -9.03 24.52 -8.03
C LYS A 148 -8.59 23.58 -6.93
N GLY A 149 -9.01 22.32 -6.98
CA GLY A 149 -8.64 21.34 -5.98
C GLY A 149 -9.64 21.13 -4.86
N HIS A 150 -10.89 21.53 -5.05
CA HIS A 150 -11.92 21.34 -4.03
C HIS A 150 -12.66 20.02 -4.27
N ILE A 151 -12.99 19.35 -3.18
CA ILE A 151 -13.71 18.09 -3.23
C ILE A 151 -15.20 18.39 -3.22
N VAL A 152 -15.93 17.80 -4.17
CA VAL A 152 -17.37 18.02 -4.28
C VAL A 152 -18.05 16.69 -4.01
N ALA A 153 -18.91 16.67 -2.99
CA ALA A 153 -19.69 15.50 -2.64
C ALA A 153 -21.17 15.87 -2.62
N VAL A 154 -22.00 15.00 -3.20
CA VAL A 154 -23.44 15.22 -3.25
C VAL A 154 -24.12 14.11 -2.45
N ASP A 155 -25.07 14.50 -1.61
CA ASP A 155 -25.84 13.58 -0.80
C ASP A 155 -27.12 13.21 -1.53
N SER A 156 -27.43 11.91 -1.59
CA SER A 156 -28.64 11.46 -2.25
C SER A 156 -29.86 11.44 -1.34
N VAL A 157 -29.67 11.23 -0.04
CA VAL A 157 -30.81 11.12 0.88
C VAL A 157 -31.47 12.49 1.03
N SER A 158 -30.73 13.46 1.54
CA SER A 158 -31.16 14.84 1.59
C SER A 158 -30.41 15.61 0.50
N PRO A 159 -30.96 15.72 -0.72
CA PRO A 159 -30.19 16.28 -1.84
C PRO A 159 -29.48 17.57 -1.49
N THR A 160 -28.15 17.49 -1.38
CA THR A 160 -27.32 18.61 -0.94
C THR A 160 -25.95 18.45 -1.56
N VAL A 161 -25.34 19.57 -1.95
CA VAL A 161 -23.99 19.60 -2.49
C VAL A 161 -23.07 20.22 -1.46
N PHE A 162 -21.90 19.61 -1.27
CA PHE A 162 -20.89 20.10 -0.34
C PHE A 162 -19.57 20.27 -1.06
N VAL A 163 -18.93 21.41 -0.86
CA VAL A 163 -17.61 21.72 -1.44
C VAL A 163 -16.63 21.75 -0.27
N ILE A 164 -15.60 20.92 -0.36
CA ILE A 164 -14.73 20.62 0.79
C ILE A 164 -13.27 20.83 0.37
N SER A 165 -12.50 21.50 1.23
CA SER A 165 -11.10 21.71 0.95
C SER A 165 -10.29 20.43 1.21
N GLU A 166 -9.08 20.40 0.65
CA GLU A 166 -8.19 19.26 0.85
C GLU A 166 -7.90 19.02 2.32
N GLU A 167 -7.93 20.07 3.14
CA GLU A 167 -7.63 19.95 4.56
C GLU A 167 -8.88 19.81 5.41
N GLY A 168 -10.05 19.67 4.81
CA GLY A 168 -11.26 19.33 5.52
C GLY A 168 -12.21 20.48 5.80
N GLU A 169 -11.94 21.68 5.30
CA GLU A 169 -12.83 22.81 5.51
C GLU A 169 -14.04 22.70 4.59
N LEU A 170 -15.22 22.98 5.14
CA LEU A 170 -16.43 23.05 4.33
C LEU A 170 -16.51 24.43 3.72
N VAL A 171 -16.13 24.54 2.44
CA VAL A 171 -16.03 25.83 1.78
C VAL A 171 -17.42 26.35 1.39
N ARG A 172 -18.32 25.46 1.01
CA ARG A 172 -19.65 25.86 0.57
C ARG A 172 -20.56 24.65 0.57
N TRP A 173 -21.84 24.90 0.82
CA TRP A 173 -22.86 23.87 0.65
C TRP A 173 -24.15 24.54 0.23
N PHE A 174 -25.00 23.79 -0.49
CA PHE A 174 -26.30 24.31 -0.87
C PHE A 174 -27.28 23.18 -1.06
N ASP A 175 -28.54 23.46 -0.74
CA ASP A 175 -29.61 22.49 -0.80
C ASP A 175 -30.17 22.40 -2.21
N CYS A 176 -30.34 21.17 -2.71
CA CYS A 176 -30.89 20.88 -4.03
CA CYS A 176 -30.95 20.98 -4.02
C CYS A 176 -32.21 20.13 -3.96
N SER A 177 -32.75 19.90 -2.75
CA SER A 177 -33.93 19.03 -2.62
C SER A 177 -35.14 19.57 -3.36
N ASP A 178 -35.30 20.89 -3.45
CA ASP A 178 -36.41 21.45 -4.21
C ASP A 178 -36.31 21.17 -5.70
N TYR A 179 -35.11 20.86 -6.20
CA TYR A 179 -34.89 20.70 -7.63
C TYR A 179 -34.42 19.31 -8.02
N MET A 180 -34.28 18.39 -7.06
CA MET A 180 -33.78 17.06 -7.36
C MET A 180 -34.52 16.02 -6.52
N ARG A 181 -34.58 14.80 -7.05
CA ARG A 181 -35.18 13.67 -6.36
C ARG A 181 -34.13 12.77 -5.72
N GLU A 182 -33.16 12.28 -6.50
CA GLU A 182 -32.13 11.38 -5.97
C GLU A 182 -30.85 11.52 -6.80
N PRO A 183 -29.91 12.35 -6.35
CA PRO A 183 -28.62 12.43 -7.05
C PRO A 183 -27.91 11.09 -7.12
N SER A 184 -27.16 10.89 -8.20
CA SER A 184 -26.42 9.67 -8.45
C SER A 184 -25.00 9.78 -9.03
N ASP A 185 -24.62 10.94 -9.45
CA ASP A 185 -23.31 11.24 -9.98
C ASP A 185 -23.23 12.74 -10.18
N ILE A 186 -22.05 13.26 -10.31
CA ILE A 186 -21.88 14.67 -10.47
C ILE A 186 -20.66 14.94 -11.30
N ALA A 187 -20.72 16.01 -12.08
CA ALA A 187 -19.62 16.47 -12.90
C ALA A 187 -19.53 17.95 -12.81
N ILE A 188 -18.34 18.46 -12.98
CA ILE A 188 -18.08 19.88 -12.90
C ILE A 188 -17.26 20.40 -14.09
N ARG A 189 -17.70 21.49 -14.68
CA ARG A 189 -16.89 22.11 -15.71
C ARG A 189 -16.66 23.52 -15.31
N ASP A 190 -15.40 23.79 -15.06
CA ASP A 190 -14.97 25.05 -14.61
C ASP A 190 -15.68 25.36 -13.32
N ASN A 191 -16.80 26.08 -13.35
CA ASN A 191 -17.50 26.40 -12.11
C ASN A 191 -18.97 26.02 -11.94
N ASP A 192 -19.61 25.26 -12.82
CA ASP A 192 -21.00 24.88 -12.62
C ASP A 192 -21.12 23.39 -12.32
N PHE A 193 -22.20 22.99 -11.65
CA PHE A 193 -22.40 21.60 -11.28
C PHE A 193 -23.47 20.92 -12.00
N TYR A 194 -23.13 19.82 -12.60
CA TYR A 194 -24.11 19.05 -13.26
C TYR A 194 -24.33 17.78 -12.44
N VAL A 195 -25.53 17.65 -11.92
CA VAL A 195 -25.90 16.58 -11.08
C VAL A 195 -26.94 15.67 -11.68
N CYS A 196 -26.56 14.42 -11.76
CA CYS A 196 -27.40 13.34 -12.22
C CYS A 196 -28.54 13.06 -11.28
N ASP A 197 -29.76 12.96 -11.77
CA ASP A 197 -30.92 12.68 -10.97
C ASP A 197 -31.47 11.34 -11.37
N PHE A 198 -31.09 10.33 -10.65
CA PHE A 198 -31.47 8.97 -10.96
C PHE A 198 -32.93 8.74 -11.04
N LYS A 199 -33.65 9.30 -10.10
CA LYS A 199 -35.11 9.17 -10.13
C LYS A 199 -35.78 10.34 -10.84
N GLY A 200 -35.06 11.44 -11.09
CA GLY A 200 -35.60 12.53 -11.86
C GLY A 200 -35.44 12.39 -13.35
N HIS A 201 -34.64 11.42 -13.79
CA HIS A 201 -34.45 11.14 -15.22
C HIS A 201 -33.91 12.36 -15.96
N CYS A 202 -32.90 12.99 -15.38
CA CYS A 202 -32.35 14.21 -15.95
C CYS A 202 -31.05 14.55 -15.23
N VAL A 203 -30.43 15.65 -15.67
CA VAL A 203 -29.28 16.24 -15.01
C VAL A 203 -29.68 17.65 -14.58
N ALA A 204 -29.37 18.00 -13.33
CA ALA A 204 -29.66 19.33 -12.80
C ALA A 204 -28.36 20.15 -12.80
N VAL A 205 -28.44 21.37 -13.30
CA VAL A 205 -27.27 22.22 -13.49
C VAL A 205 -27.32 23.35 -12.47
N PHE A 206 -26.21 23.54 -11.75
CA PHE A 206 -26.07 24.60 -10.75
C PHE A 206 -24.77 25.36 -10.98
N GLN A 207 -24.75 26.61 -10.54
CA GLN A 207 -23.51 27.37 -10.49
C GLN A 207 -22.71 26.99 -9.25
N ASP A 208 -21.46 27.47 -9.18
CA ASP A 208 -20.69 27.33 -7.95
C ASP A 208 -21.36 28.07 -6.81
N ASP A 209 -22.16 29.08 -7.12
CA ASP A 209 -22.94 29.77 -6.10
C ASP A 209 -23.96 28.86 -5.43
N GLY A 210 -24.29 27.73 -6.07
CA GLY A 210 -25.44 26.95 -5.67
C GLY A 210 -26.74 27.40 -6.31
N THR A 211 -26.70 28.46 -7.11
CA THR A 211 -27.91 28.94 -7.77
C THR A 211 -28.27 27.98 -8.91
N PHE A 212 -29.50 27.49 -8.89
CA PHE A 212 -29.97 26.59 -9.93
C PHE A 212 -30.09 27.34 -11.25
N LEU A 213 -29.78 26.64 -12.35
CA LEU A 213 -29.83 27.23 -13.68
C LEU A 213 -30.85 26.55 -14.57
N TYR A 214 -30.75 25.24 -14.79
CA TYR A 214 -31.66 24.54 -15.67
C TYR A 214 -31.34 23.05 -15.59
N ARG A 215 -32.14 22.24 -16.28
CA ARG A 215 -31.94 20.81 -16.35
C ARG A 215 -31.61 20.39 -17.77
N ILE A 216 -30.87 19.28 -17.88
CA ILE A 216 -30.50 18.68 -19.16
C ILE A 216 -31.10 17.28 -19.21
N GLY A 217 -31.64 16.91 -20.37
CA GLY A 217 -32.21 15.59 -20.53
C GLY A 217 -33.65 15.52 -20.07
N ASN A 218 -34.20 14.31 -20.15
CA ASN A 218 -35.56 14.05 -19.67
C ASN A 218 -35.81 12.55 -19.73
N GLU A 219 -37.03 12.17 -19.34
CA GLU A 219 -37.33 10.74 -19.19
CA GLU A 219 -37.36 10.74 -19.19
C GLU A 219 -37.29 10.00 -20.52
N LYS A 220 -37.51 10.69 -21.63
CA LYS A 220 -37.52 10.02 -22.93
C LYS A 220 -36.14 9.43 -23.25
N VAL A 221 -35.09 10.22 -23.09
CA VAL A 221 -33.75 9.83 -23.51
C VAL A 221 -32.92 9.30 -22.34
N THR A 222 -32.93 10.01 -21.22
CA THR A 222 -32.02 9.73 -20.11
C THR A 222 -32.84 9.13 -18.96
N CYS A 223 -33.17 7.84 -19.09
CA CYS A 223 -34.01 7.17 -18.11
C CYS A 223 -33.13 6.49 -17.07
N PHE A 224 -33.34 6.85 -15.80
CA PHE A 224 -32.57 6.33 -14.67
C PHE A 224 -31.09 6.55 -14.91
N PRO A 225 -30.66 7.79 -15.10
CA PRO A 225 -29.24 8.03 -15.38
C PRO A 225 -28.39 7.81 -14.13
N ASN A 226 -27.23 7.21 -14.33
CA ASN A 226 -26.35 6.85 -13.23
CA ASN A 226 -26.36 6.89 -13.21
C ASN A 226 -24.90 7.21 -13.50
N GLY A 227 -24.62 8.01 -14.53
CA GLY A 227 -23.28 8.41 -14.86
C GLY A 227 -23.28 9.69 -15.68
N ILE A 228 -22.32 10.57 -15.43
CA ILE A 228 -22.22 11.82 -16.18
C ILE A 228 -20.76 12.23 -16.27
N ASP A 229 -20.37 12.73 -17.44
CA ASP A 229 -19.08 13.39 -17.58
C ASP A 229 -19.25 14.49 -18.62
N ILE A 230 -18.27 15.37 -18.69
CA ILE A 230 -18.32 16.53 -19.57
C ILE A 230 -17.10 16.47 -20.48
N SER A 231 -17.35 16.40 -21.78
CA SER A 231 -16.27 16.34 -22.75
C SER A 231 -15.47 17.63 -22.70
N ASN A 232 -14.28 17.59 -23.32
CA ASN A 232 -13.48 18.80 -23.45
C ASN A 232 -14.33 19.92 -24.04
N ALA A 233 -15.03 19.65 -25.14
CA ALA A 233 -15.83 20.65 -25.82
C ALA A 233 -16.93 21.22 -24.93
N GLY A 234 -17.21 20.61 -23.79
CA GLY A 234 -18.27 21.06 -22.91
C GLY A 234 -19.58 20.32 -23.04
N ASP A 235 -19.66 19.35 -23.95
CA ASP A 235 -20.87 18.55 -24.08
C ASP A 235 -21.06 17.67 -22.86
N VAL A 236 -22.31 17.34 -22.59
CA VAL A 236 -22.70 16.58 -21.39
C VAL A 236 -23.08 15.18 -21.83
N LEU A 237 -22.34 14.18 -21.34
CA LEU A 237 -22.61 12.78 -21.62
C LEU A 237 -23.28 12.15 -20.41
N ILE A 238 -24.43 11.52 -20.63
CA ILE A 238 -25.27 10.99 -19.57
C ILE A 238 -25.51 9.52 -19.86
N GLY A 239 -25.07 8.67 -18.94
CA GLY A 239 -25.18 7.23 -19.10
C GLY A 239 -26.31 6.63 -18.31
N ASP A 240 -26.88 5.56 -18.86
CA ASP A 240 -27.91 4.77 -18.19
C ASP A 240 -27.89 3.38 -18.81
N SER A 241 -28.59 2.45 -18.15
CA SER A 241 -28.68 1.07 -18.62
CA SER A 241 -28.69 1.08 -18.64
C SER A 241 -30.10 0.56 -18.42
N HIS A 242 -31.09 1.37 -18.80
CA HIS A 242 -32.49 0.98 -18.60
C HIS A 242 -32.79 -0.34 -19.28
N GLY A 243 -32.47 -0.46 -20.57
CA GLY A 243 -32.79 -1.66 -21.32
C GLY A 243 -31.76 -2.75 -21.16
N ASN A 244 -31.06 -2.76 -20.02
CA ASN A 244 -29.99 -3.72 -19.75
C ASN A 244 -28.90 -3.69 -20.82
N ARG A 245 -28.82 -2.59 -21.57
CA ARG A 245 -27.69 -2.30 -22.45
C ARG A 245 -27.22 -0.90 -22.15
N PHE A 246 -25.91 -0.68 -22.23
CA PHE A 246 -25.35 0.62 -21.88
C PHE A 246 -25.73 1.64 -22.94
N HIS A 247 -26.38 2.73 -22.50
CA HIS A 247 -26.85 3.79 -23.38
C HIS A 247 -26.28 5.12 -22.91
N VAL A 248 -25.84 5.94 -23.86
CA VAL A 248 -25.27 7.25 -23.56
C VAL A 248 -25.96 8.29 -24.42
N ALA A 249 -26.37 9.39 -23.81
CA ALA A 249 -26.92 10.55 -24.51
C ALA A 249 -25.95 11.71 -24.41
N CYS A 250 -25.72 12.40 -25.53
CA CYS A 250 -24.77 13.49 -25.60
C CYS A 250 -25.53 14.80 -25.83
N TYR A 251 -25.39 15.73 -24.90
CA TYR A 251 -26.07 17.01 -24.94
C TYR A 251 -25.06 18.14 -25.04
N SER A 252 -25.50 19.26 -25.62
CA SER A 252 -24.73 20.48 -25.57
C SER A 252 -24.73 21.03 -24.14
N ARG A 253 -23.76 21.91 -23.86
CA ARG A 253 -23.70 22.54 -22.54
C ARG A 253 -25.02 23.22 -22.18
N GLU A 254 -25.81 23.60 -23.19
CA GLU A 254 -27.07 24.29 -22.97
C GLU A 254 -28.29 23.37 -23.00
N GLY A 255 -28.09 22.09 -23.30
CA GLY A 255 -29.15 21.11 -23.23
C GLY A 255 -29.75 20.62 -24.55
N ALA A 256 -29.09 20.86 -25.67
CA ALA A 256 -29.55 20.37 -26.96
C ALA A 256 -29.01 18.97 -27.19
N LEU A 257 -29.90 17.99 -27.34
CA LEU A 257 -29.45 16.64 -27.65
C LEU A 257 -28.70 16.62 -28.97
N GLN A 258 -27.47 16.10 -28.93
CA GLN A 258 -26.63 16.01 -30.12
C GLN A 258 -26.62 14.62 -30.74
N SER A 259 -26.52 13.58 -29.90
CA SER A 259 -26.43 12.22 -30.41
C SER A 259 -26.74 11.26 -29.27
N GLU A 260 -26.97 10.00 -29.64
CA GLU A 260 -27.12 8.92 -28.67
C GLU A 260 -26.22 7.78 -29.08
N PHE A 261 -25.72 7.06 -28.08
CA PHE A 261 -24.80 5.96 -28.29
C PHE A 261 -25.30 4.72 -27.57
N GLU A 262 -25.00 3.58 -28.17
CA GLU A 262 -25.38 2.29 -27.61
C GLU A 262 -24.38 1.25 -28.11
N CYS A 263 -24.35 0.12 -27.43
CA CYS A 263 -23.54 -1.02 -27.86
CA CYS A 263 -23.54 -1.02 -27.85
C CYS A 263 -24.44 -2.05 -28.50
N PRO A 264 -24.93 -1.82 -29.73
CA PRO A 264 -25.97 -2.70 -30.28
C PRO A 264 -25.50 -4.10 -30.60
N HIS A 265 -24.27 -4.27 -31.06
CA HIS A 265 -23.84 -5.59 -31.53
C HIS A 265 -23.40 -6.51 -30.41
N VAL A 266 -23.28 -6.02 -29.17
CA VAL A 266 -23.00 -6.82 -27.98
C VAL A 266 -24.04 -6.46 -26.92
N LYS A 267 -24.35 -7.42 -26.05
CA LYS A 267 -25.32 -7.19 -24.96
C LYS A 267 -24.55 -6.80 -23.71
N VAL A 268 -24.29 -5.50 -23.56
CA VAL A 268 -23.64 -4.99 -22.36
C VAL A 268 -24.58 -5.14 -21.16
N SER A 269 -24.00 -5.32 -19.99
CA SER A 269 -24.77 -5.48 -18.77
C SER A 269 -25.19 -4.11 -18.24
N ARG A 270 -25.86 -4.10 -17.07
CA ARG A 270 -26.14 -2.86 -16.37
C ARG A 270 -24.84 -2.23 -15.88
N CYS A 271 -24.80 -0.90 -15.90
CA CYS A 271 -23.56 -0.19 -15.59
C CYS A 271 -23.86 1.01 -14.69
N CYS A 272 -22.80 1.62 -14.19
CA CYS A 272 -22.88 2.80 -13.33
CA CYS A 272 -22.92 2.84 -13.40
C CYS A 272 -21.65 3.67 -13.57
N GLY A 273 -21.82 4.98 -13.54
CA GLY A 273 -20.75 5.90 -13.77
C GLY A 273 -20.44 6.06 -15.25
N LEU A 274 -19.70 7.12 -15.58
CA LEU A 274 -19.32 7.40 -16.96
C LEU A 274 -18.17 8.40 -16.93
N LYS A 275 -17.03 8.03 -17.49
CA LYS A 275 -15.90 8.92 -17.63
C LYS A 275 -15.37 8.86 -19.06
N ILE A 276 -14.98 10.01 -19.59
CA ILE A 276 -14.46 10.14 -20.95
C ILE A 276 -12.96 10.32 -20.86
N THR A 277 -12.21 9.49 -21.57
CA THR A 277 -10.77 9.65 -21.64
C THR A 277 -10.40 10.69 -22.69
N SER A 278 -9.12 11.10 -22.68
CA SER A 278 -8.67 12.11 -23.64
C SER A 278 -8.75 11.60 -25.07
N GLU A 279 -8.68 10.28 -25.28
CA GLU A 279 -8.89 9.71 -26.60
C GLU A 279 -10.34 9.74 -27.03
N GLY A 280 -11.26 10.03 -26.12
CA GLY A 280 -12.67 9.93 -26.40
C GLY A 280 -13.30 8.61 -26.04
N TYR A 281 -12.57 7.71 -25.39
CA TYR A 281 -13.16 6.45 -24.96
C TYR A 281 -14.11 6.69 -23.79
N VAL A 282 -15.14 5.85 -23.71
CA VAL A 282 -16.11 5.91 -22.62
C VAL A 282 -15.86 4.74 -21.68
N VAL A 283 -15.65 5.06 -20.40
CA VAL A 283 -15.43 4.07 -19.36
C VAL A 283 -16.66 4.03 -18.46
N THR A 284 -17.12 2.81 -18.15
CA THR A 284 -18.21 2.63 -17.21
C THR A 284 -17.96 1.34 -16.44
N LEU A 285 -18.74 1.15 -15.37
CA LEU A 285 -18.56 0.06 -14.43
C LEU A 285 -19.79 -0.83 -14.48
N ALA A 286 -19.60 -2.10 -14.82
CA ALA A 286 -20.68 -3.09 -14.77
C ALA A 286 -20.71 -3.69 -13.38
N LYS A 287 -21.32 -2.95 -12.45
CA LYS A 287 -21.27 -3.30 -11.04
C LYS A 287 -21.82 -4.71 -10.79
N ASN A 288 -22.97 -5.03 -11.40
CA ASN A 288 -23.61 -6.31 -11.12
C ASN A 288 -22.90 -7.49 -11.78
N ASN A 289 -22.01 -7.24 -12.73
CA ASN A 289 -21.26 -8.29 -13.39
C ASN A 289 -19.75 -8.17 -13.15
N HIS A 290 -19.34 -7.28 -12.25
CA HIS A 290 -17.99 -7.27 -11.70
C HIS A 290 -16.93 -7.08 -12.78
N HIS A 291 -17.13 -6.09 -13.65
CA HIS A 291 -16.09 -5.77 -14.61
C HIS A 291 -16.20 -4.31 -15.02
N VAL A 292 -15.11 -3.83 -15.61
CA VAL A 292 -15.02 -2.51 -16.21
C VAL A 292 -15.20 -2.65 -17.71
N LEU A 293 -15.80 -1.64 -18.34
CA LEU A 293 -15.90 -1.58 -19.79
C LEU A 293 -15.26 -0.30 -20.28
N VAL A 294 -14.39 -0.43 -21.27
CA VAL A 294 -13.83 0.70 -22.00
C VAL A 294 -14.37 0.61 -23.42
N LEU A 295 -15.06 1.66 -23.87
CA LEU A 295 -15.76 1.67 -25.14
C LEU A 295 -15.23 2.77 -26.04
N ASN A 296 -15.30 2.54 -27.35
CA ASN A 296 -15.02 3.57 -28.33
C ASN A 296 -16.22 3.73 -29.25
N THR A 297 -16.41 4.95 -29.74
CA THR A 297 -17.46 5.18 -30.73
C THR A 297 -17.06 4.59 -32.07
N LEU A 298 -18.07 4.22 -32.86
CA LEU A 298 -17.85 3.65 -34.18
C LEU A 298 -17.79 4.76 -35.23
N ALA B 26 31.63 -3.29 30.86
CA ALA B 26 30.89 -2.96 29.64
C ALA B 26 30.34 -1.54 29.72
N THR B 27 30.44 -0.81 28.61
CA THR B 27 29.89 0.53 28.56
C THR B 27 28.36 0.47 28.56
N PRO B 28 27.69 1.34 29.32
CA PRO B 28 26.22 1.31 29.31
C PRO B 28 25.64 1.79 27.99
N MET B 29 24.47 1.26 27.66
CA MET B 29 23.61 1.81 26.62
C MET B 29 22.33 2.34 27.26
N GLN B 30 21.80 3.41 26.68
CA GLN B 30 20.54 4.00 27.12
C GLN B 30 19.51 3.89 26.02
N ILE B 31 18.26 3.65 26.39
CA ILE B 31 17.18 3.67 25.42
C ILE B 31 16.87 5.13 25.07
N ARG B 32 16.93 5.45 23.78
CA ARG B 32 16.50 6.76 23.32
C ARG B 32 15.18 6.73 22.57
N CYS B 33 14.72 5.55 22.15
CA CYS B 33 13.43 5.42 21.51
C CYS B 33 12.88 4.03 21.78
N LYS B 34 11.60 3.97 22.13
CA LYS B 34 10.90 2.71 22.36
C LYS B 34 9.49 2.86 21.83
N PHE B 35 9.12 2.04 20.85
CA PHE B 35 7.79 2.17 20.26
C PHE B 35 7.27 0.80 19.87
N GLY B 36 5.95 0.66 19.87
CA GLY B 36 5.28 -0.59 19.59
C GLY B 36 4.62 -1.17 20.84
N SER B 37 3.63 -2.02 20.60
CA SER B 37 2.92 -2.73 21.65
C SER B 37 2.10 -3.82 20.99
N LEU B 38 1.74 -4.83 21.76
CA LEU B 38 1.01 -5.98 21.22
C LEU B 38 -0.39 -5.54 20.78
N GLY B 39 -0.69 -5.71 19.50
CA GLY B 39 -2.00 -5.36 19.00
C GLY B 39 -2.01 -5.32 17.49
N THR B 40 -3.13 -4.83 16.94
CA THR B 40 -3.36 -4.82 15.50
C THR B 40 -3.43 -3.42 14.91
N ALA B 41 -3.48 -2.38 15.73
CA ALA B 41 -3.62 -1.02 15.22
C ALA B 41 -2.32 -0.55 14.60
N LYS B 42 -2.40 0.55 13.85
CA LYS B 42 -1.22 1.13 13.24
C LYS B 42 -0.18 1.45 14.31
N GLY B 43 1.07 1.10 14.04
CA GLY B 43 2.15 1.30 14.99
C GLY B 43 2.30 0.20 16.01
N GLN B 44 1.34 -0.71 16.12
CA GLN B 44 1.47 -1.87 17.01
C GLN B 44 2.11 -3.03 16.25
N PHE B 45 2.49 -4.06 17.01
CA PHE B 45 3.11 -5.25 16.45
C PHE B 45 2.48 -6.50 17.06
N ASN B 46 2.68 -7.63 16.38
CA ASN B 46 2.31 -8.94 16.92
C ASN B 46 3.37 -9.94 16.46
N SER B 47 4.30 -10.24 17.36
CA SER B 47 5.34 -11.24 17.16
C SER B 47 6.19 -10.89 15.95
N PRO B 48 6.77 -9.70 15.90
CA PRO B 48 7.61 -9.32 14.75
C PRO B 48 8.90 -10.13 14.74
N HIS B 49 9.22 -10.71 13.59
CA HIS B 49 10.36 -11.61 13.47
C HIS B 49 11.58 -10.96 12.84
N GLY B 50 11.47 -9.73 12.34
CA GLY B 50 12.63 -9.09 11.74
C GLY B 50 12.36 -7.63 11.44
N PHE B 51 13.45 -6.93 11.15
CA PHE B 51 13.38 -5.53 10.76
C PHE B 51 14.64 -5.19 9.97
N CYS B 52 14.65 -3.99 9.38
CA CYS B 52 15.83 -3.47 8.70
C CYS B 52 15.73 -1.95 8.71
N LEU B 53 16.76 -1.31 8.16
CA LEU B 53 16.74 0.12 7.95
C LEU B 53 16.54 0.43 6.48
N GLY B 54 15.90 1.58 6.20
CA GLY B 54 15.63 1.99 4.85
C GLY B 54 16.76 2.82 4.26
N VAL B 55 16.54 3.28 3.02
CA VAL B 55 17.53 4.07 2.32
C VAL B 55 17.71 5.44 2.95
N ASP B 56 16.68 5.94 3.66
CA ASP B 56 16.81 7.11 4.50
C ASP B 56 16.86 6.73 5.97
N GLU B 57 17.27 5.50 6.27
CA GLU B 57 17.36 4.98 7.62
C GLU B 57 16.01 5.09 8.34
N GLU B 58 14.94 4.87 7.60
CA GLU B 58 13.67 4.49 8.20
C GLU B 58 13.86 3.16 8.94
N ILE B 59 13.00 2.91 9.93
CA ILE B 59 12.95 1.63 10.61
C ILE B 59 11.78 0.84 10.04
N ILE B 60 12.07 -0.33 9.49
CA ILE B 60 11.11 -1.13 8.74
C ILE B 60 10.96 -2.47 9.44
N VAL B 61 9.74 -2.82 9.84
CA VAL B 61 9.49 -3.99 10.68
C VAL B 61 8.59 -4.97 9.92
N ALA B 62 8.98 -6.23 9.92
CA ALA B 62 8.12 -7.32 9.47
C ALA B 62 7.21 -7.71 10.63
N ASP B 63 5.96 -7.25 10.57
CA ASP B 63 5.00 -7.43 11.66
C ASP B 63 4.27 -8.75 11.43
N THR B 64 4.95 -9.83 11.81
CA THR B 64 4.66 -11.16 11.29
C THR B 64 3.19 -11.53 11.45
N ASN B 65 2.68 -11.54 12.69
CA ASN B 65 1.34 -12.06 12.92
C ASN B 65 0.24 -11.09 12.50
N ASN B 66 0.59 -9.87 12.09
CA ASN B 66 -0.36 -8.95 11.47
C ASN B 66 -0.26 -8.96 9.95
N HIS B 67 0.66 -9.75 9.38
CA HIS B 67 0.75 -9.93 7.94
C HIS B 67 0.96 -8.59 7.23
N ARG B 68 1.91 -7.81 7.74
CA ARG B 68 2.16 -6.49 7.17
C ARG B 68 3.60 -6.06 7.43
N ILE B 69 4.02 -5.07 6.64
CA ILE B 69 5.27 -4.34 6.86
C ILE B 69 4.91 -2.95 7.35
N GLU B 70 5.61 -2.47 8.38
CA GLU B 70 5.39 -1.13 8.91
C GLU B 70 6.67 -0.32 8.84
N VAL B 71 6.56 0.92 8.37
CA VAL B 71 7.70 1.79 8.10
C VAL B 71 7.61 2.98 9.03
N PHE B 72 8.66 3.20 9.82
CA PHE B 72 8.73 4.27 10.80
C PHE B 72 9.93 5.17 10.48
N ASP B 73 9.90 6.38 11.03
CA ASP B 73 11.12 7.19 11.11
C ASP B 73 11.92 6.76 12.33
N LYS B 74 13.12 7.32 12.50
CA LYS B 74 13.97 6.87 13.59
C LYS B 74 13.51 7.35 14.97
N MET B 75 12.43 8.12 15.05
CA MET B 75 11.82 8.47 16.32
C MET B 75 10.56 7.65 16.60
N GLY B 76 10.29 6.64 15.79
CA GLY B 76 9.18 5.74 16.03
C GLY B 76 7.83 6.22 15.53
N ALA B 77 7.80 7.28 14.74
CA ALA B 77 6.55 7.74 14.14
C ALA B 77 6.29 6.96 12.86
N LEU B 78 5.09 6.40 12.75
CA LEU B 78 4.74 5.58 11.59
C LEU B 78 4.63 6.46 10.34
N LYS B 79 5.28 6.01 9.26
CA LYS B 79 5.17 6.68 7.96
C LYS B 79 4.06 6.03 7.14
N PHE B 80 4.15 4.72 6.93
CA PHE B 80 3.08 3.98 6.25
C PHE B 80 3.26 2.51 6.54
N GLN B 81 2.24 1.73 6.15
CA GLN B 81 2.27 0.28 6.20
C GLN B 81 1.78 -0.26 4.87
N PHE B 82 2.10 -1.52 4.61
CA PHE B 82 1.53 -2.21 3.46
C PHE B 82 1.48 -3.71 3.77
N GLY B 83 0.55 -4.39 3.12
CA GLY B 83 0.38 -5.82 3.27
C GLY B 83 -1.04 -6.23 3.63
N VAL B 84 -1.62 -7.10 2.80
CA VAL B 84 -2.92 -7.71 3.04
C VAL B 84 -2.68 -9.19 3.33
N ALA B 85 -3.33 -9.70 4.38
CA ALA B 85 -3.12 -11.09 4.78
C ALA B 85 -3.64 -12.04 3.71
N GLY B 86 -2.82 -13.02 3.35
CA GLY B 86 -3.24 -14.03 2.39
C GLY B 86 -2.06 -14.65 1.69
N LYS B 87 -2.37 -15.65 0.87
CA LYS B 87 -1.36 -16.45 0.20
C LYS B 87 -1.21 -16.13 -1.29
N GLU B 88 -2.06 -15.27 -1.85
CA GLU B 88 -1.88 -14.83 -3.23
C GLU B 88 -0.59 -14.04 -3.36
N GLU B 89 0.02 -14.11 -4.55
CA GLU B 89 1.16 -13.24 -4.85
C GLU B 89 0.78 -11.79 -4.57
N GLY B 90 1.66 -11.07 -3.88
CA GLY B 90 1.42 -9.70 -3.48
C GLY B 90 0.84 -9.56 -2.10
N GLN B 91 0.14 -10.58 -1.61
CA GLN B 91 -0.30 -10.62 -0.23
C GLN B 91 0.83 -11.13 0.66
N LEU B 92 0.62 -11.05 1.97
CA LEU B 92 1.62 -11.49 2.94
C LEU B 92 0.99 -12.47 3.90
N TRP B 93 1.71 -13.57 4.16
CA TRP B 93 1.28 -14.60 5.11
C TRP B 93 2.46 -14.90 6.02
N TYR B 94 2.48 -14.26 7.19
CA TYR B 94 3.53 -14.40 8.19
C TYR B 94 4.86 -13.92 7.62
N PRO B 95 4.96 -12.63 7.26
CA PRO B 95 6.24 -12.08 6.82
C PRO B 95 7.23 -12.05 7.98
N ARG B 96 8.36 -12.72 7.81
CA ARG B 96 9.32 -12.89 8.89
C ARG B 96 10.59 -12.06 8.73
N LYS B 97 11.02 -11.77 7.51
CA LYS B 97 12.26 -11.05 7.29
C LYS B 97 12.06 -10.00 6.21
N VAL B 98 12.77 -8.88 6.35
CA VAL B 98 12.65 -7.77 5.42
C VAL B 98 14.02 -7.12 5.24
N ALA B 99 14.29 -6.72 4.00
CA ALA B 99 15.51 -5.99 3.64
C ALA B 99 15.13 -4.94 2.60
N VAL B 100 16.02 -3.98 2.40
CA VAL B 100 15.80 -2.92 1.41
C VAL B 100 16.99 -2.88 0.46
N MET B 101 16.69 -2.76 -0.83
CA MET B 101 17.74 -2.64 -1.85
CA MET B 101 17.75 -2.66 -1.84
C MET B 101 18.37 -1.26 -1.77
N HIS B 102 19.61 -1.18 -1.39
CA HIS B 102 20.27 0.09 -1.19
C HIS B 102 20.28 0.96 -2.41
N ASN B 103 20.19 0.31 -3.53
CA ASN B 103 20.28 0.99 -4.79
C ASN B 103 19.03 1.59 -5.29
N ASN B 104 17.88 1.28 -4.72
CA ASN B 104 16.63 1.84 -5.24
C ASN B 104 15.41 1.90 -4.32
N GLY B 105 15.56 1.50 -3.09
CA GLY B 105 14.49 1.54 -2.15
C GLY B 105 13.45 0.46 -2.19
N LYS B 106 13.61 -0.52 -3.03
CA LYS B 106 12.66 -1.63 -3.06
C LYS B 106 12.76 -2.46 -1.79
N PHE B 107 11.62 -3.04 -1.39
CA PHE B 107 11.56 -3.95 -0.26
C PHE B 107 11.75 -5.39 -0.74
N VAL B 108 12.53 -6.15 0.02
CA VAL B 108 12.60 -7.60 -0.12
C VAL B 108 11.94 -8.19 1.13
N VAL B 109 10.87 -8.95 0.95
CA VAL B 109 10.10 -9.48 2.06
C VAL B 109 10.01 -10.99 1.90
N CYS B 110 10.36 -11.71 2.97
CA CYS B 110 10.23 -13.16 3.01
C CYS B 110 9.09 -13.53 3.95
N ASP B 111 8.15 -14.32 3.46
CA ASP B 111 7.00 -14.73 4.26
C ASP B 111 6.77 -16.22 4.07
N ARG B 112 5.69 -16.71 4.67
CA ARG B 112 5.36 -18.13 4.68
C ARG B 112 4.19 -18.42 3.76
N GLY B 113 4.18 -17.79 2.58
CA GLY B 113 3.12 -17.98 1.62
C GLY B 113 2.86 -19.43 1.29
N ASN B 114 1.71 -19.94 1.71
CA ASN B 114 1.30 -21.32 1.43
C ASN B 114 2.24 -22.31 2.13
N GLU B 115 2.55 -22.03 3.39
CA GLU B 115 3.28 -22.95 4.27
C GLU B 115 4.63 -23.36 3.70
N ARG B 116 5.22 -22.51 2.86
CA ARG B 116 6.61 -22.64 2.46
C ARG B 116 7.22 -21.25 2.41
N SER B 117 8.55 -21.19 2.43
CA SER B 117 9.22 -19.90 2.35
C SER B 117 8.94 -19.27 0.99
N ARG B 118 8.73 -17.95 0.99
CA ARG B 118 8.44 -17.21 -0.22
C ARG B 118 9.15 -15.86 -0.14
N MET B 119 9.71 -15.42 -1.27
CA MET B 119 10.36 -14.13 -1.37
C MET B 119 9.59 -13.25 -2.34
N GLN B 120 9.32 -12.01 -1.97
CA GLN B 120 8.58 -11.09 -2.81
C GLN B 120 9.22 -9.71 -2.77
N ILE B 121 9.23 -9.03 -3.92
CA ILE B 121 9.79 -7.70 -4.07
C ILE B 121 8.65 -6.71 -4.18
N PHE B 122 8.72 -5.63 -3.40
CA PHE B 122 7.75 -4.56 -3.44
C PHE B 122 8.46 -3.24 -3.76
N SER B 123 7.77 -2.36 -4.48
CA SER B 123 8.32 -1.06 -4.79
C SER B 123 8.53 -0.24 -3.52
N LYS B 124 9.16 0.91 -3.68
CA LYS B 124 9.37 1.82 -2.56
C LYS B 124 8.04 2.28 -1.95
N CYS B 125 6.95 2.27 -2.74
CA CYS B 125 5.62 2.58 -2.21
C CYS B 125 4.98 1.41 -1.49
N GLY B 126 5.59 0.22 -1.53
CA GLY B 126 4.96 -0.98 -1.00
C GLY B 126 4.09 -1.73 -1.97
N HIS B 127 4.24 -1.49 -3.28
CA HIS B 127 3.44 -2.16 -4.30
C HIS B 127 4.14 -3.42 -4.76
N PHE B 128 3.39 -4.52 -4.83
CA PHE B 128 3.97 -5.78 -5.29
C PHE B 128 4.57 -5.63 -6.68
N MET B 129 5.76 -6.19 -6.86
CA MET B 129 6.45 -6.16 -8.15
C MET B 129 6.71 -7.56 -8.69
N ARG B 130 7.23 -8.48 -7.88
CA ARG B 130 7.47 -9.83 -8.38
C ARG B 130 7.72 -10.78 -7.22
N LYS B 131 7.46 -12.06 -7.48
CA LYS B 131 7.80 -13.13 -6.56
C LYS B 131 9.09 -13.80 -7.03
N ILE B 132 9.96 -14.12 -6.06
CA ILE B 132 11.21 -14.83 -6.32
C ILE B 132 11.11 -16.19 -5.67
N ALA B 133 11.24 -17.24 -6.47
CA ALA B 133 11.16 -18.62 -5.97
C ALA B 133 12.35 -18.92 -5.08
N ILE B 134 12.09 -19.30 -3.83
CA ILE B 134 13.16 -19.70 -2.92
C ILE B 134 12.81 -21.03 -2.27
N ARG B 135 12.52 -22.05 -3.10
CA ARG B 135 12.29 -23.39 -2.60
C ARG B 135 13.55 -24.03 -2.04
N TYR B 136 14.73 -23.44 -2.27
CA TYR B 136 15.98 -23.93 -1.71
C TYR B 136 16.22 -23.41 -0.30
N ILE B 137 15.23 -22.76 0.32
CA ILE B 137 15.32 -22.30 1.71
C ILE B 137 14.14 -22.85 2.48
N ASP B 138 14.43 -23.61 3.54
CA ASP B 138 13.39 -24.09 4.43
C ASP B 138 12.89 -22.98 5.36
N ILE B 139 13.81 -22.36 6.10
CA ILE B 139 13.49 -21.24 6.98
C ILE B 139 14.49 -20.13 6.70
N VAL B 140 13.99 -18.97 6.29
CA VAL B 140 14.85 -17.81 6.05
C VAL B 140 15.29 -17.27 7.41
N ALA B 141 16.56 -17.47 7.75
CA ALA B 141 17.10 -17.01 9.03
C ALA B 141 17.74 -15.64 8.94
N GLY B 142 18.20 -15.23 7.77
CA GLY B 142 18.85 -13.96 7.61
C GLY B 142 18.66 -13.45 6.21
N LEU B 143 18.61 -12.13 6.08
CA LEU B 143 18.33 -11.49 4.81
C LEU B 143 19.14 -10.21 4.72
N ALA B 144 19.90 -10.07 3.63
CA ALA B 144 20.72 -8.88 3.42
C ALA B 144 20.79 -8.60 1.93
N VAL B 145 21.20 -7.38 1.60
CA VAL B 145 21.42 -6.96 0.23
C VAL B 145 22.83 -6.38 0.13
N THR B 146 23.55 -6.75 -0.92
CA THR B 146 24.89 -6.24 -1.15
C THR B 146 24.81 -4.87 -1.81
N ALA B 147 25.91 -4.12 -1.71
CA ALA B 147 25.98 -2.84 -2.42
C ALA B 147 25.81 -3.04 -3.92
N LYS B 148 26.17 -4.21 -4.43
CA LYS B 148 25.98 -4.51 -5.85
C LYS B 148 24.51 -4.53 -6.21
N GLY B 149 23.65 -4.93 -5.28
CA GLY B 149 22.26 -5.14 -5.54
C GLY B 149 21.82 -6.59 -5.53
N HIS B 150 22.63 -7.49 -4.98
CA HIS B 150 22.26 -8.90 -4.87
C HIS B 150 21.59 -9.17 -3.54
N ILE B 151 20.61 -10.07 -3.56
CA ILE B 151 19.92 -10.50 -2.35
C ILE B 151 20.67 -11.67 -1.75
N VAL B 152 20.90 -11.63 -0.45
CA VAL B 152 21.59 -12.71 0.27
C VAL B 152 20.64 -13.25 1.33
N ALA B 153 20.32 -14.53 1.24
CA ALA B 153 19.48 -15.21 2.22
C ALA B 153 20.21 -16.43 2.76
N VAL B 154 19.94 -16.76 4.02
CA VAL B 154 20.55 -17.92 4.66
C VAL B 154 19.45 -18.79 5.25
N ASP B 155 19.61 -20.10 5.10
CA ASP B 155 18.66 -21.09 5.60
C ASP B 155 19.16 -21.61 6.95
N SER B 156 18.23 -21.73 7.91
CA SER B 156 18.60 -22.19 9.25
C SER B 156 18.61 -23.70 9.37
N VAL B 157 17.71 -24.39 8.66
CA VAL B 157 17.54 -25.83 8.86
C VAL B 157 18.76 -26.57 8.34
N SER B 158 19.05 -26.43 7.04
CA SER B 158 20.29 -26.91 6.44
C SER B 158 21.15 -25.68 6.16
N PRO B 159 22.07 -25.31 7.08
CA PRO B 159 22.82 -24.06 6.90
C PRO B 159 23.40 -23.87 5.51
N THR B 160 22.82 -22.91 4.78
CA THR B 160 23.19 -22.66 3.40
C THR B 160 22.97 -21.17 3.12
N VAL B 161 23.89 -20.58 2.35
CA VAL B 161 23.78 -19.19 1.93
C VAL B 161 23.43 -19.17 0.45
N PHE B 162 22.57 -18.24 0.06
CA PHE B 162 22.15 -18.08 -1.32
C PHE B 162 22.32 -16.63 -1.73
N VAL B 163 22.90 -16.41 -2.91
CA VAL B 163 23.04 -15.08 -3.50
C VAL B 163 22.12 -15.03 -4.71
N ILE B 164 21.17 -14.08 -4.70
CA ILE B 164 20.09 -14.03 -5.66
C ILE B 164 20.06 -12.66 -6.31
N SER B 165 19.85 -12.61 -7.62
CA SER B 165 19.76 -11.35 -8.32
C SER B 165 18.38 -10.72 -8.10
N GLU B 166 18.32 -9.40 -8.30
CA GLU B 166 17.06 -8.67 -8.16
C GLU B 166 15.97 -9.24 -9.05
N GLU B 167 16.33 -9.89 -10.14
CA GLU B 167 15.37 -10.49 -11.06
C GLU B 167 14.99 -11.92 -10.68
N GLY B 168 15.54 -12.44 -9.59
CA GLY B 168 15.17 -13.76 -9.10
C GLY B 168 16.10 -14.89 -9.49
N GLU B 169 17.24 -14.60 -10.12
CA GLU B 169 18.17 -15.64 -10.54
C GLU B 169 19.13 -15.97 -9.41
N LEU B 170 19.34 -17.26 -9.17
CA LEU B 170 20.30 -17.69 -8.15
C LEU B 170 21.70 -17.55 -8.72
N VAL B 171 22.45 -16.57 -8.22
CA VAL B 171 23.79 -16.30 -8.72
C VAL B 171 24.79 -17.30 -8.13
N ARG B 172 24.71 -17.52 -6.83
CA ARG B 172 25.72 -18.26 -6.09
C ARG B 172 25.08 -18.92 -4.88
N TRP B 173 25.67 -20.02 -4.43
CA TRP B 173 25.25 -20.63 -3.18
C TRP B 173 26.39 -21.47 -2.63
N PHE B 174 26.43 -21.61 -1.32
CA PHE B 174 27.42 -22.47 -0.69
C PHE B 174 26.88 -22.99 0.63
N ASP B 175 27.27 -24.23 0.95
CA ASP B 175 26.88 -24.88 2.19
C ASP B 175 27.77 -24.41 3.34
N CYS B 176 27.16 -24.21 4.50
CA CYS B 176 27.94 -23.85 5.69
CA CYS B 176 27.86 -23.80 5.73
C CYS B 176 27.63 -24.78 6.87
N SER B 177 27.01 -25.93 6.61
CA SER B 177 26.62 -26.83 7.69
C SER B 177 27.82 -27.34 8.47
N ASP B 178 28.98 -27.50 7.83
CA ASP B 178 30.16 -27.99 8.51
C ASP B 178 30.72 -27.00 9.52
N TYR B 179 30.27 -25.75 9.50
CA TYR B 179 30.82 -24.72 10.38
C TYR B 179 29.76 -23.95 11.15
N MET B 180 28.48 -24.31 11.01
CA MET B 180 27.40 -23.54 11.63
C MET B 180 26.37 -24.48 12.22
N ARG B 181 25.91 -24.15 13.43
CA ARG B 181 24.86 -24.90 14.11
C ARG B 181 23.47 -24.41 13.72
N GLU B 182 23.20 -23.11 13.87
CA GLU B 182 21.88 -22.55 13.60
C GLU B 182 22.03 -21.07 13.27
N PRO B 183 22.13 -20.74 11.98
CA PRO B 183 22.21 -19.32 11.60
C PRO B 183 20.99 -18.54 12.07
N SER B 184 21.21 -17.25 12.38
CA SER B 184 20.13 -16.38 12.84
C SER B 184 20.19 -14.97 12.30
N ASP B 185 21.24 -14.60 11.56
CA ASP B 185 21.34 -13.28 10.93
C ASP B 185 22.55 -13.31 10.01
N ILE B 186 22.66 -12.28 9.15
CA ILE B 186 23.76 -12.24 8.18
C ILE B 186 24.06 -10.80 7.82
N ALA B 187 25.35 -10.50 7.65
CA ALA B 187 25.82 -9.21 7.17
C ALA B 187 26.92 -9.45 6.15
N ILE B 188 27.18 -8.42 5.34
CA ILE B 188 28.16 -8.51 4.25
C ILE B 188 29.01 -7.24 4.23
N ARG B 189 30.32 -7.42 4.01
CA ARG B 189 31.20 -6.30 3.72
CA ARG B 189 31.21 -6.31 3.74
C ARG B 189 32.22 -6.76 2.69
N ASP B 190 32.40 -5.95 1.64
CA ASP B 190 33.30 -6.31 0.56
C ASP B 190 32.95 -7.71 0.06
N ASN B 191 33.88 -8.65 0.10
CA ASN B 191 33.69 -9.97 -0.49
C ASN B 191 33.35 -11.03 0.55
N ASP B 192 33.08 -10.64 1.80
CA ASP B 192 32.94 -11.59 2.90
C ASP B 192 31.53 -11.59 3.45
N PHE B 193 31.05 -12.77 3.84
CA PHE B 193 29.77 -12.93 4.50
C PHE B 193 29.99 -13.26 5.96
N TYR B 194 29.21 -12.59 6.83
CA TYR B 194 29.29 -12.77 8.28
C TYR B 194 27.96 -13.34 8.74
N VAL B 195 27.97 -14.60 9.21
CA VAL B 195 26.73 -15.31 9.53
C VAL B 195 26.68 -15.52 11.04
N CYS B 196 25.57 -15.09 11.64
CA CYS B 196 25.38 -15.21 13.08
CA CYS B 196 25.38 -15.22 13.08
C CYS B 196 24.92 -16.63 13.42
N ASP B 197 25.63 -17.27 14.36
CA ASP B 197 25.33 -18.65 14.78
C ASP B 197 24.72 -18.61 16.18
N PHE B 198 23.40 -18.66 16.24
CA PHE B 198 22.68 -18.57 17.50
C PHE B 198 23.13 -19.65 18.48
N LYS B 199 23.16 -20.90 18.03
CA LYS B 199 23.53 -22.01 18.90
C LYS B 199 25.04 -22.26 18.91
N GLY B 200 25.79 -21.66 17.98
CA GLY B 200 27.24 -21.76 17.98
C GLY B 200 27.93 -20.70 18.80
N HIS B 201 27.21 -19.66 19.21
CA HIS B 201 27.75 -18.61 20.09
C HIS B 201 28.90 -17.87 19.41
N CYS B 202 28.71 -17.51 18.15
CA CYS B 202 29.77 -16.86 17.39
C CYS B 202 29.19 -16.37 16.07
N VAL B 203 30.02 -15.64 15.34
CA VAL B 203 29.78 -15.30 13.94
C VAL B 203 30.77 -16.08 13.10
N ALA B 204 30.27 -16.71 12.04
CA ALA B 204 31.12 -17.46 11.12
C ALA B 204 31.34 -16.64 9.86
N VAL B 205 32.60 -16.47 9.47
CA VAL B 205 32.97 -15.62 8.36
C VAL B 205 33.34 -16.49 7.17
N PHE B 206 32.77 -16.17 6.01
CA PHE B 206 33.00 -16.92 4.79
C PHE B 206 33.36 -15.97 3.65
N GLN B 207 34.23 -16.42 2.76
CA GLN B 207 34.44 -15.71 1.51
CA GLN B 207 34.45 -15.72 1.51
C GLN B 207 33.20 -15.82 0.64
N ASP B 208 32.94 -14.79 -0.16
CA ASP B 208 31.87 -14.92 -1.13
C ASP B 208 32.13 -16.12 -2.02
N ASP B 209 33.39 -16.52 -2.16
CA ASP B 209 33.74 -17.84 -2.66
C ASP B 209 32.93 -18.94 -1.98
N GLY B 210 32.74 -18.83 -0.67
CA GLY B 210 32.08 -19.85 0.12
C GLY B 210 32.99 -20.58 1.08
N THR B 211 34.28 -20.23 1.14
CA THR B 211 35.22 -20.92 2.00
C THR B 211 35.17 -20.35 3.41
N PHE B 212 35.19 -21.24 4.40
CA PHE B 212 35.16 -20.80 5.79
C PHE B 212 36.51 -20.20 6.17
N LEU B 213 36.48 -18.98 6.71
CA LEU B 213 37.69 -18.26 7.08
C LEU B 213 37.98 -18.36 8.57
N TYR B 214 37.08 -17.85 9.40
CA TYR B 214 37.32 -17.85 10.85
C TYR B 214 36.01 -17.50 11.54
N ARG B 215 36.02 -17.65 12.86
CA ARG B 215 34.89 -17.26 13.69
C ARG B 215 35.23 -15.99 14.45
N ILE B 216 34.20 -15.19 14.72
CA ILE B 216 34.28 -14.03 15.58
C ILE B 216 33.41 -14.30 16.80
N GLY B 217 33.95 -14.04 17.98
CA GLY B 217 33.23 -14.26 19.22
C GLY B 217 33.34 -15.69 19.70
N ASN B 218 32.77 -15.93 20.87
CA ASN B 218 32.80 -17.26 21.49
C ASN B 218 31.76 -17.29 22.59
N GLU B 219 31.65 -18.46 23.24
CA GLU B 219 30.62 -18.68 24.25
C GLU B 219 30.73 -17.71 25.41
N LYS B 220 31.93 -17.20 25.69
CA LYS B 220 32.12 -16.29 26.81
C LYS B 220 31.47 -14.93 26.55
N VAL B 221 31.62 -14.40 25.33
CA VAL B 221 31.25 -13.01 25.03
C VAL B 221 29.94 -12.94 24.25
N THR B 222 29.80 -13.75 23.21
CA THR B 222 28.65 -13.69 22.31
C THR B 222 27.82 -14.94 22.51
N CYS B 223 27.04 -14.95 23.58
CA CYS B 223 26.22 -16.09 23.96
C CYS B 223 24.82 -15.94 23.36
N PHE B 224 24.44 -16.88 22.50
CA PHE B 224 23.16 -16.88 21.82
C PHE B 224 22.98 -15.59 21.02
N PRO B 225 23.93 -15.26 20.13
CA PRO B 225 23.80 -14.03 19.35
C PRO B 225 22.64 -14.13 18.37
N ASN B 226 21.92 -13.02 18.23
CA ASN B 226 20.71 -13.03 17.41
C ASN B 226 20.61 -11.79 16.51
N GLY B 227 21.72 -11.09 16.28
CA GLY B 227 21.73 -9.95 15.38
C GLY B 227 23.15 -9.46 15.11
N ILE B 228 23.41 -9.01 13.89
CA ILE B 228 24.74 -8.55 13.50
C ILE B 228 24.61 -7.40 12.52
N ASP B 229 25.55 -6.45 12.61
CA ASP B 229 25.68 -5.41 11.62
C ASP B 229 27.15 -5.02 11.54
N ILE B 230 27.51 -4.33 10.46
CA ILE B 230 28.89 -3.91 10.22
C ILE B 230 28.90 -2.39 10.06
N SER B 231 29.75 -1.73 10.86
CA SER B 231 29.86 -0.28 10.82
C SER B 231 30.59 0.17 9.55
N ASN B 232 30.61 1.49 9.35
CA ASN B 232 31.31 2.05 8.19
C ASN B 232 32.79 1.69 8.23
N ALA B 233 33.40 1.70 9.41
CA ALA B 233 34.82 1.38 9.54
C ALA B 233 35.11 -0.11 9.41
N GLY B 234 34.08 -0.95 9.32
CA GLY B 234 34.27 -2.38 9.15
C GLY B 234 34.17 -3.18 10.42
N ASP B 235 33.87 -2.56 11.56
CA ASP B 235 33.74 -3.29 12.80
C ASP B 235 32.44 -4.10 12.82
N VAL B 236 32.48 -5.23 13.51
CA VAL B 236 31.37 -6.18 13.55
C VAL B 236 30.70 -6.06 14.91
N LEU B 237 29.41 -5.72 14.91
CA LEU B 237 28.62 -5.62 16.12
C LEU B 237 27.70 -6.82 16.23
N ILE B 238 27.72 -7.48 17.38
CA ILE B 238 27.00 -8.74 17.59
C ILE B 238 26.14 -8.58 18.83
N GLY B 239 24.84 -8.77 18.69
CA GLY B 239 23.89 -8.52 19.76
C GLY B 239 23.30 -9.81 20.31
N ASP B 240 23.05 -9.82 21.61
CA ASP B 240 22.38 -10.95 22.26
C ASP B 240 21.59 -10.42 23.45
N SER B 241 20.67 -11.26 23.93
CA SER B 241 19.87 -10.93 25.11
C SER B 241 19.93 -12.06 26.13
N HIS B 242 21.08 -12.75 26.19
CA HIS B 242 21.28 -13.77 27.20
C HIS B 242 21.19 -13.15 28.59
N GLY B 243 20.46 -13.81 29.48
CA GLY B 243 20.23 -13.25 30.80
C GLY B 243 19.22 -12.13 30.83
N ASN B 244 18.46 -11.93 29.75
CA ASN B 244 17.37 -10.98 29.72
C ASN B 244 17.85 -9.53 29.75
N ARG B 245 19.08 -9.28 29.31
CA ARG B 245 19.60 -7.93 29.15
C ARG B 245 20.27 -7.82 27.79
N PHE B 246 19.96 -6.75 27.07
CA PHE B 246 20.52 -6.56 25.73
C PHE B 246 22.00 -6.24 25.82
N HIS B 247 22.81 -7.02 25.10
CA HIS B 247 24.25 -6.93 25.15
C HIS B 247 24.80 -6.90 23.73
N VAL B 248 25.78 -6.03 23.49
CA VAL B 248 26.40 -5.88 22.19
C VAL B 248 27.91 -5.99 22.37
N ALA B 249 28.55 -6.81 21.53
CA ALA B 249 30.00 -6.90 21.46
C ALA B 249 30.47 -6.33 20.13
N CYS B 250 31.48 -5.45 20.19
CA CYS B 250 32.05 -4.83 19.00
CA CYS B 250 32.05 -4.83 19.01
C CYS B 250 33.41 -5.47 18.73
N TYR B 251 33.56 -6.04 17.54
CA TYR B 251 34.79 -6.69 17.13
C TYR B 251 35.36 -5.99 15.90
N SER B 252 36.67 -6.05 15.77
CA SER B 252 37.29 -5.69 14.50
C SER B 252 36.94 -6.74 13.46
N ARG B 253 37.20 -6.39 12.19
CA ARG B 253 36.97 -7.32 11.08
C ARG B 253 37.59 -8.68 11.36
N GLU B 254 38.79 -8.70 11.95
CA GLU B 254 39.54 -9.94 12.14
C GLU B 254 39.22 -10.64 13.45
N GLY B 255 38.28 -10.13 14.24
CA GLY B 255 37.83 -10.81 15.43
C GLY B 255 38.47 -10.38 16.73
N ALA B 256 39.08 -9.19 16.79
CA ALA B 256 39.61 -8.65 18.03
C ALA B 256 38.52 -7.89 18.75
N LEU B 257 38.26 -8.25 20.01
CA LEU B 257 37.24 -7.58 20.80
C LEU B 257 37.67 -6.15 21.10
N GLN B 258 36.88 -5.18 20.64
CA GLN B 258 37.15 -3.77 20.87
CA GLN B 258 37.16 -3.77 20.89
C GLN B 258 36.41 -3.22 22.09
N SER B 259 35.15 -3.61 22.29
CA SER B 259 34.36 -3.08 23.38
C SER B 259 33.11 -3.92 23.53
N GLU B 260 32.46 -3.78 24.68
CA GLU B 260 31.18 -4.41 24.95
C GLU B 260 30.23 -3.37 25.54
N PHE B 261 28.94 -3.57 25.27
CA PHE B 261 27.90 -2.65 25.73
C PHE B 261 26.74 -3.45 26.30
N GLU B 262 26.02 -2.84 27.24
CA GLU B 262 24.87 -3.47 27.86
C GLU B 262 23.88 -2.40 28.30
N CYS B 263 22.59 -2.68 28.14
CA CYS B 263 21.54 -1.85 28.70
C CYS B 263 21.10 -2.48 30.01
N PRO B 264 21.52 -1.95 31.17
CA PRO B 264 21.31 -2.68 32.43
C PRO B 264 19.95 -2.43 33.08
N HIS B 265 19.24 -1.38 32.66
CA HIS B 265 18.09 -0.92 33.41
C HIS B 265 16.75 -1.44 32.87
N VAL B 266 16.74 -2.10 31.71
CA VAL B 266 15.52 -2.63 31.13
C VAL B 266 15.72 -4.09 30.77
N LYS B 267 14.71 -4.90 31.04
CA LYS B 267 14.75 -6.32 30.71
C LYS B 267 14.34 -6.51 29.26
N VAL B 268 15.27 -7.04 28.45
CA VAL B 268 15.01 -7.38 27.06
C VAL B 268 15.11 -8.89 26.93
N SER B 269 14.00 -9.53 26.55
CA SER B 269 13.96 -10.96 26.31
C SER B 269 13.66 -11.21 24.84
N ARG B 270 14.52 -12.00 24.20
CA ARG B 270 14.38 -12.33 22.78
C ARG B 270 14.64 -11.10 21.90
N CYS B 271 15.80 -10.48 22.09
CA CYS B 271 16.24 -9.48 21.13
C CYS B 271 16.40 -10.13 19.77
N CYS B 272 16.12 -9.37 18.73
CA CYS B 272 16.08 -9.90 17.37
C CYS B 272 16.65 -8.85 16.44
N GLY B 273 17.79 -9.15 15.82
CA GLY B 273 18.42 -8.26 14.88
C GLY B 273 19.27 -7.19 15.56
N LEU B 274 20.05 -6.50 14.74
CA LEU B 274 20.89 -5.40 15.21
C LEU B 274 21.26 -4.57 13.99
N LYS B 275 20.94 -3.27 14.02
CA LYS B 275 21.32 -2.35 12.96
C LYS B 275 21.87 -1.07 13.56
N ILE B 276 22.93 -0.56 12.94
CA ILE B 276 23.59 0.67 13.35
C ILE B 276 23.07 1.82 12.50
N THR B 277 22.67 2.91 13.14
CA THR B 277 22.22 4.08 12.41
C THR B 277 23.41 4.99 12.09
N SER B 278 23.15 5.98 11.23
CA SER B 278 24.21 6.92 10.86
C SER B 278 24.77 7.65 12.07
N GLU B 279 23.95 7.90 13.08
CA GLU B 279 24.40 8.58 14.28
C GLU B 279 25.18 7.68 15.22
N GLY B 280 25.24 6.38 14.95
CA GLY B 280 25.88 5.44 15.85
C GLY B 280 24.95 4.79 16.84
N TYR B 281 23.64 4.96 16.69
CA TYR B 281 22.67 4.30 17.55
C TYR B 281 22.51 2.84 17.13
N VAL B 282 22.09 2.02 18.09
CA VAL B 282 21.84 0.60 17.85
C VAL B 282 20.33 0.37 17.89
N VAL B 283 19.80 -0.32 16.89
CA VAL B 283 18.40 -0.65 16.81
C VAL B 283 18.25 -2.15 16.96
N THR B 284 17.26 -2.57 17.75
CA THR B 284 16.96 -3.98 17.87
C THR B 284 15.47 -4.15 18.12
N LEU B 285 15.01 -5.37 17.95
CA LEU B 285 13.61 -5.74 18.10
C LEU B 285 13.47 -6.57 19.37
N ALA B 286 12.68 -6.07 20.32
CA ALA B 286 12.38 -6.83 21.54
C ALA B 286 11.13 -7.67 21.25
N LYS B 287 11.35 -8.78 20.55
CA LYS B 287 10.25 -9.52 19.94
C LYS B 287 9.19 -9.91 20.97
N ASN B 288 9.61 -10.42 22.13
CA ASN B 288 8.65 -10.89 23.12
C ASN B 288 7.90 -9.76 23.80
N ASN B 289 8.44 -8.54 23.77
CA ASN B 289 7.76 -7.37 24.30
C ASN B 289 7.08 -6.56 23.21
N HIS B 290 7.25 -6.94 21.95
CA HIS B 290 6.55 -6.29 20.85
C HIS B 290 6.88 -4.79 20.78
N HIS B 291 8.17 -4.47 20.98
CA HIS B 291 8.67 -3.11 20.82
C HIS B 291 9.91 -3.12 19.93
N VAL B 292 10.15 -1.96 19.32
CA VAL B 292 11.45 -1.62 18.76
C VAL B 292 12.20 -0.77 19.78
N LEU B 293 13.49 -1.03 19.93
CA LEU B 293 14.35 -0.24 20.80
C LEU B 293 15.43 0.43 19.96
N VAL B 294 15.64 1.72 20.19
CA VAL B 294 16.78 2.45 19.66
C VAL B 294 17.62 2.89 20.86
N LEU B 295 18.90 2.58 20.83
CA LEU B 295 19.77 2.81 21.97
C LEU B 295 21.00 3.60 21.56
N ASN B 296 21.50 4.42 22.49
CA ASN B 296 22.78 5.09 22.33
C ASN B 296 23.73 4.63 23.41
N THR B 297 25.02 4.66 23.10
CA THR B 297 26.03 4.38 24.10
C THR B 297 26.18 5.56 25.04
N LEU B 298 26.56 5.26 26.29
CA LEU B 298 26.70 6.27 27.33
C LEU B 298 28.18 6.56 27.56
N TYR B 299 28.54 7.85 27.54
CA TYR B 299 29.88 8.28 27.88
C TYR B 299 29.96 8.49 29.40
N VAL B 300 30.85 7.74 30.04
CA VAL B 300 30.83 7.65 31.50
C VAL B 300 31.60 8.81 32.13
N HIS B 301 32.76 9.15 31.58
CA HIS B 301 33.62 10.17 32.19
C HIS B 301 33.17 11.57 31.81
#